data_6FHV
#
_entry.id   6FHV
#
_cell.length_a   189.253
_cell.length_b   189.253
_cell.length_c   115.379
_cell.angle_alpha   90.000
_cell.angle_beta   90.000
_cell.angle_gamma   120.000
#
_symmetry.space_group_name_H-M   'H 3 2'
#
loop_
_entity.id
_entity.type
_entity.pdbx_description
1 polymer Glucoamylase
2 branched 2-acetamido-2-deoxy-beta-D-glucopyranose-(1-4)-2-acetamido-2-deoxy-beta-D-glucopyranose
3 branched beta-D-mannopyranose-(1-4)-2-acetamido-2-deoxy-beta-D-glucopyranose-(1-4)-2-acetamido-2-deoxy-beta-D-glucopyranose
4 non-polymer 2-[3-(2-HYDROXY-1,1-DIHYDROXYMETHYL-ETHYLAMINO)-PROPYLAMINO]-2-HYDROXYMETHYL-PROPANE-1,3-DIOL
5 non-polymer 'TETRAETHYLENE GLYCOL'
6 non-polymer DI(HYDROXYETHYL)ETHER
7 non-polymer 2-acetamido-2-deoxy-beta-D-glucopyranose
8 water water
#
_entity_poly.entity_id   1
_entity_poly.type   'polypeptide(L)'
_entity_poly.pdbx_seq_one_letter_code
;PDPKGGNLTPFIHKEGERSLQGILDNLGGRGKKTPGTAAGLFIASPNTENPNYYYTWTRDSALTAKCLIDLFEDSRAVFP
IDRKYLETGIRDYVSSQAILQSVSNPSGTLKDGSGLGEPKFEIDLNPFSGAWGRPQRDGPALRATAMITYANYLISHGQK
SDVSQVMWPIIANDLAYVGQYWNNTGFDLWEEVDGSSFFTIAVQHRALVEGSQLAKKLGKSCDACDSQPPQILCFLQSFW
NGKYITSNINTQASRSGIDLDSVLGSIHTFDPEAACDDATFQPCSARALANHKVYVDSFRSIYKINAGLAEGSAANVGRY
PEDVYQGGNPWYLATLGASELLYDALYQWDRLGKLEVSETSLSFFKDFDATVKIGSYSRNSKTYKKLTQSIKSYADGFIQ
LVQQYTPSNGSLAEQYDRNTAAPLSANDLTWSFASFLTATQRRDAVVPPSWGAKSANKVPTTCSASPVVGTYKAPTATFS
SKTKCVPAKDIVPITFYLIENTYYGENVFMSGNITALGNWDAKKGFPLTANLYTQDQNLWFASVEFIPAGTPFEYKYYKV
EPNGDITWEKGPNRVFVAPTGCPVQPHSNDVWQF
;
_entity_poly.pdbx_strand_id   A
#
# COMPACT_ATOMS: atom_id res chain seq x y z
N LEU A 8 10.04 26.51 9.54
CA LEU A 8 9.30 25.21 9.38
C LEU A 8 9.02 24.48 10.69
N THR A 9 9.87 24.68 11.70
CA THR A 9 9.86 23.86 12.92
C THR A 9 8.51 23.75 13.69
N PRO A 10 7.85 24.89 14.03
CA PRO A 10 6.53 24.77 14.69
C PRO A 10 5.48 23.96 13.89
N PHE A 11 5.43 24.18 12.57
CA PHE A 11 4.47 23.48 11.67
C PHE A 11 4.70 21.96 11.64
N ILE A 12 5.97 21.53 11.61
CA ILE A 12 6.32 20.09 11.67
C ILE A 12 5.91 19.48 13.01
N HIS A 13 6.10 20.22 14.13
CA HIS A 13 5.63 19.75 15.43
C HIS A 13 4.10 19.64 15.44
N LYS A 14 3.42 20.70 15.02
CA LYS A 14 1.94 20.73 15.01
C LYS A 14 1.33 19.70 14.05
N GLU A 15 1.74 19.70 12.79
CA GLU A 15 1.17 18.79 11.81
C GLU A 15 1.59 17.31 12.03
N GLY A 16 2.73 17.12 12.68
CA GLY A 16 3.22 15.81 13.09
C GLY A 16 2.37 15.15 14.18
N GLU A 17 2.06 15.89 15.26
CA GLU A 17 1.05 15.44 16.23
C GLU A 17 -0.30 15.13 15.54
N ARG A 18 -0.77 16.05 14.69
CA ARG A 18 -2.03 15.88 13.92
C ARG A 18 -2.06 14.65 13.02
N SER A 19 -0.90 14.35 12.40
CA SER A 19 -0.73 13.20 11.52
C SER A 19 -0.79 11.87 12.27
N LEU A 20 -0.06 11.74 13.38
CA LEU A 20 -0.24 10.58 14.28
C LEU A 20 -1.69 10.39 14.75
N GLN A 21 -2.34 11.49 15.12
CA GLN A 21 -3.77 11.41 15.45
C GLN A 21 -4.62 10.96 14.25
N GLY A 22 -4.28 11.40 13.03
CA GLY A 22 -5.04 11.07 11.85
C GLY A 22 -4.96 9.59 11.50
N ILE A 23 -3.81 9.00 11.79
CA ILE A 23 -3.63 7.58 11.60
C ILE A 23 -4.48 6.77 12.60
N LEU A 24 -4.37 7.11 13.88
CA LEU A 24 -5.05 6.33 14.93
C LEU A 24 -6.58 6.42 14.81
N ASP A 25 -7.08 7.61 14.46
CA ASP A 25 -8.50 7.84 14.14
C ASP A 25 -9.06 6.87 13.07
N ASN A 26 -8.18 6.44 12.14
CA ASN A 26 -8.55 5.57 11.01
C ASN A 26 -8.19 4.08 11.26
N LEU A 27 -7.79 3.72 12.51
CA LEU A 27 -7.43 2.34 12.87
C LEU A 27 -8.58 1.68 13.62
N GLY A 28 -9.15 0.63 13.01
CA GLY A 28 -10.21 -0.18 13.64
C GLY A 28 -9.80 -0.64 15.04
N GLY A 29 -10.78 -0.61 15.95
CA GLY A 29 -10.59 -0.97 17.35
C GLY A 29 -11.04 0.18 18.22
N ARG A 30 -10.21 1.21 18.29
CA ARG A 30 -10.50 2.43 19.05
C ARG A 30 -10.59 3.69 18.14
N GLY A 31 -10.28 3.58 16.85
CA GLY A 31 -10.26 4.79 15.99
C GLY A 31 -11.64 5.42 15.82
N LYS A 32 -11.78 6.70 16.15
CA LYS A 32 -13.13 7.29 16.22
C LYS A 32 -13.87 7.33 14.87
N LYS A 33 -13.13 7.28 13.75
CA LYS A 33 -13.73 7.40 12.43
C LYS A 33 -13.95 6.05 11.74
N THR A 34 -13.92 4.95 12.51
CA THR A 34 -14.02 3.58 11.98
C THR A 34 -15.24 2.76 12.48
N PRO A 35 -16.45 3.38 12.63
CA PRO A 35 -17.63 2.60 13.07
C PRO A 35 -17.86 1.21 12.37
N GLY A 36 -17.96 0.15 13.17
CA GLY A 36 -18.11 -1.22 12.67
C GLY A 36 -16.90 -1.92 12.08
N THR A 37 -15.74 -1.24 12.08
CA THR A 37 -14.48 -1.80 11.57
C THR A 37 -13.84 -2.70 12.59
N ALA A 38 -13.34 -3.86 12.16
CA ALA A 38 -12.68 -4.79 13.10
C ALA A 38 -11.34 -4.22 13.59
N ALA A 39 -10.97 -4.60 14.82
CA ALA A 39 -9.73 -4.14 15.44
C ALA A 39 -8.57 -4.50 14.53
N GLY A 40 -7.63 -3.56 14.41
CA GLY A 40 -6.45 -3.75 13.56
C GLY A 40 -6.55 -3.48 12.06
N LEU A 41 -7.76 -3.22 11.55
CA LEU A 41 -7.92 -2.85 10.17
C LEU A 41 -7.87 -1.32 10.00
N PHE A 42 -6.88 -0.86 9.24
CA PHE A 42 -6.85 0.55 8.81
C PHE A 42 -7.82 0.83 7.66
N ILE A 43 -8.70 1.81 7.83
CA ILE A 43 -9.43 2.32 6.68
C ILE A 43 -8.49 3.21 5.88
N ALA A 44 -8.68 3.26 4.55
CA ALA A 44 -7.87 4.16 3.68
C ALA A 44 -8.26 5.64 3.88
N SER A 45 -9.56 5.89 4.09
CA SER A 45 -10.10 7.22 4.42
C SER A 45 -11.50 7.06 5.01
N PRO A 46 -11.97 8.01 5.84
CA PRO A 46 -13.38 7.91 6.29
C PRO A 46 -14.43 8.28 5.21
N ASN A 47 -13.98 8.68 4.01
CA ASN A 47 -14.89 8.94 2.89
C ASN A 47 -15.69 7.70 2.52
N THR A 48 -16.99 7.93 2.42
CA THR A 48 -18.02 6.92 2.21
C THR A 48 -18.69 7.09 0.79
N GLU A 49 -18.54 8.28 0.21
CA GLU A 49 -19.15 8.68 -1.05
C GLU A 49 -18.29 9.69 -1.80
N ASN A 50 -18.13 9.49 -3.10
CA ASN A 50 -17.48 10.45 -3.99
C ASN A 50 -16.11 10.94 -3.49
N PRO A 51 -15.09 10.06 -3.39
CA PRO A 51 -15.18 8.63 -3.65
C PRO A 51 -15.45 7.79 -2.37
N ASN A 52 -15.82 6.51 -2.52
CA ASN A 52 -15.98 5.59 -1.37
C ASN A 52 -14.66 4.83 -1.13
N TYR A 53 -13.92 5.20 -0.08
CA TYR A 53 -12.64 4.59 0.33
C TYR A 53 -12.80 3.88 1.69
N TYR A 54 -14.06 3.61 2.09
CA TYR A 54 -14.36 2.95 3.37
C TYR A 54 -14.25 1.41 3.22
N TYR A 55 -12.98 1.01 3.01
CA TYR A 55 -12.44 -0.36 2.90
C TYR A 55 -11.02 -0.41 3.51
N THR A 56 -10.47 -1.61 3.66
CA THR A 56 -9.08 -1.78 4.07
C THR A 56 -8.23 -2.36 2.93
N TRP A 57 -7.15 -1.67 2.58
CA TRP A 57 -6.23 -2.09 1.53
C TRP A 57 -5.01 -2.68 2.19
N THR A 58 -4.54 -3.79 1.63
CA THR A 58 -3.34 -4.46 2.15
C THR A 58 -2.12 -3.56 2.10
N ARG A 59 -1.96 -2.82 1.00
CA ARG A 59 -0.85 -1.82 0.85
C ARG A 59 -0.90 -0.67 1.86
N ASP A 60 -2.01 0.09 1.85
CA ASP A 60 -2.11 1.29 2.76
C ASP A 60 -1.88 0.84 4.20
N SER A 61 -2.50 -0.27 4.55
CA SER A 61 -2.41 -0.79 5.90
C SER A 61 -0.98 -1.23 6.31
N ALA A 62 -0.27 -1.88 5.40
CA ALA A 62 1.12 -2.35 5.64
C ALA A 62 2.13 -1.19 5.70
N LEU A 63 2.02 -0.23 4.80
CA LEU A 63 2.88 0.99 4.82
C LEU A 63 2.66 1.84 6.08
N THR A 64 1.41 1.92 6.54
CA THR A 64 1.10 2.65 7.77
C THR A 64 1.54 1.91 9.03
N ALA A 65 1.38 0.60 9.03
CA ALA A 65 1.90 -0.23 10.11
C ALA A 65 3.44 -0.05 10.27
N LYS A 66 4.14 0.00 9.13
CA LYS A 66 5.60 0.19 9.15
C LYS A 66 5.96 1.51 9.80
N CYS A 67 5.23 2.55 9.40
CA CYS A 67 5.33 3.89 10.01
C CYS A 67 5.16 3.90 11.53
N LEU A 68 4.08 3.30 12.03
CA LEU A 68 3.82 3.22 13.49
C LEU A 68 4.82 2.35 14.29
N ILE A 69 5.28 1.24 13.68
CA ILE A 69 6.29 0.37 14.29
C ILE A 69 7.62 1.13 14.43
N ASP A 70 8.08 1.78 13.36
CA ASP A 70 9.30 2.60 13.45
C ASP A 70 9.14 3.68 14.52
N LEU A 71 7.98 4.36 14.53
CA LEU A 71 7.66 5.38 15.56
C LEU A 71 7.76 4.81 16.96
N PHE A 72 7.21 3.62 17.14
CA PHE A 72 7.12 2.94 18.42
C PHE A 72 8.52 2.60 18.98
N GLU A 73 9.46 2.21 18.11
CA GLU A 73 10.83 1.97 18.58
C GLU A 73 11.80 3.15 18.45
N ASP A 74 11.53 4.16 17.61
CA ASP A 74 12.40 5.38 17.54
C ASP A 74 11.76 6.65 16.89
N SER A 75 11.81 7.78 17.59
CA SER A 75 11.47 9.11 17.01
C SER A 75 12.15 10.22 17.84
N VAL A 78 9.77 12.87 19.98
CA VAL A 78 9.62 14.26 19.48
C VAL A 78 8.37 15.01 19.98
N PHE A 79 7.17 14.39 19.91
CA PHE A 79 5.90 14.92 20.54
C PHE A 79 5.29 13.84 21.48
N PRO A 80 4.25 14.18 22.29
CA PRO A 80 3.57 13.16 23.11
C PRO A 80 3.11 11.89 22.37
N ILE A 81 3.43 10.73 22.95
CA ILE A 81 3.20 9.41 22.36
C ILE A 81 2.85 8.42 23.49
N ASP A 82 1.71 7.74 23.35
CA ASP A 82 1.29 6.63 24.22
C ASP A 82 1.83 5.31 23.60
N ARG A 83 2.95 4.83 24.11
CA ARG A 83 3.54 3.56 23.63
C ARG A 83 2.70 2.31 23.82
N LYS A 84 1.94 2.26 24.91
CA LYS A 84 1.08 1.13 25.18
C LYS A 84 -0.03 1.07 24.13
N TYR A 85 -0.71 2.21 23.91
CA TYR A 85 -1.75 2.31 22.88
C TYR A 85 -1.17 1.91 21.51
N LEU A 86 0.03 2.41 21.17
CA LEU A 86 0.66 2.04 19.89
C LEU A 86 0.97 0.53 19.76
N GLU A 87 1.53 -0.08 20.80
CA GLU A 87 1.83 -1.52 20.73
C GLU A 87 0.55 -2.36 20.58
N THR A 88 -0.50 -2.01 21.31
CA THR A 88 -1.77 -2.73 21.16
C THR A 88 -2.33 -2.64 19.72
N GLY A 89 -2.23 -1.47 19.11
CA GLY A 89 -2.68 -1.26 17.73
C GLY A 89 -1.91 -2.10 16.73
N ILE A 90 -0.61 -2.18 16.96
CA ILE A 90 0.28 -3.02 16.14
C ILE A 90 -0.09 -4.50 16.32
N ARG A 91 -0.27 -4.92 17.58
CA ARG A 91 -0.74 -6.28 17.86
C ARG A 91 -2.09 -6.61 17.22
N ASP A 92 -3.03 -5.68 17.31
CA ASP A 92 -4.35 -5.83 16.68
C ASP A 92 -4.22 -5.88 15.15
N TYR A 93 -3.33 -5.07 14.58
CA TYR A 93 -3.05 -5.15 13.15
C TYR A 93 -2.63 -6.57 12.77
N VAL A 94 -1.67 -7.14 13.50
CA VAL A 94 -1.15 -8.49 13.23
C VAL A 94 -2.25 -9.54 13.29
N SER A 95 -3.10 -9.44 14.30
CA SER A 95 -4.20 -10.40 14.48
C SER A 95 -5.22 -10.32 13.34
N SER A 96 -5.56 -9.11 12.93
CA SER A 96 -6.53 -8.92 11.87
C SER A 96 -6.03 -9.58 10.58
N GLN A 97 -4.71 -9.50 10.33
CA GLN A 97 -4.10 -10.07 9.09
C GLN A 97 -4.07 -11.61 9.10
N ALA A 98 -3.92 -12.22 10.27
CA ALA A 98 -4.13 -13.69 10.45
C ALA A 98 -5.46 -14.16 9.89
N ILE A 99 -6.51 -13.40 10.20
CA ILE A 99 -7.87 -13.74 9.80
C ILE A 99 -8.04 -13.53 8.29
N LEU A 100 -7.61 -12.38 7.75
CA LEU A 100 -7.79 -12.04 6.32
C LEU A 100 -7.12 -13.01 5.34
N GLN A 101 -5.97 -13.56 5.71
CA GLN A 101 -5.24 -14.53 4.88
C GLN A 101 -6.07 -15.76 4.53
N SER A 102 -6.98 -16.17 5.40
CA SER A 102 -7.91 -17.26 5.09
C SER A 102 -9.13 -16.91 4.20
N VAL A 103 -9.40 -15.64 3.89
CA VAL A 103 -10.64 -15.26 3.21
C VAL A 103 -10.55 -15.49 1.70
N SER A 104 -11.35 -16.41 1.19
CA SER A 104 -11.54 -16.56 -0.23
C SER A 104 -12.22 -15.31 -0.84
N ASN A 105 -11.75 -14.95 -2.01
CA ASN A 105 -12.06 -13.68 -2.66
C ASN A 105 -11.91 -13.82 -4.17
N PRO A 106 -12.24 -12.75 -4.93
CA PRO A 106 -12.16 -12.90 -6.39
C PRO A 106 -10.77 -13.18 -6.99
N SER A 107 -9.70 -12.86 -6.27
CA SER A 107 -8.34 -13.22 -6.70
C SER A 107 -8.04 -14.70 -6.51
N GLY A 108 -8.77 -15.35 -5.61
CA GLY A 108 -8.59 -16.80 -5.35
C GLY A 108 -8.68 -17.21 -3.89
N THR A 109 -8.08 -18.37 -3.55
CA THR A 109 -8.14 -18.94 -2.19
C THR A 109 -6.74 -18.95 -1.54
N LEU A 110 -6.68 -19.24 -0.24
CA LEU A 110 -5.38 -19.42 0.45
C LEU A 110 -4.75 -20.73 0.02
N LYS A 111 -5.56 -21.77 -0.17
CA LYS A 111 -5.06 -23.11 -0.57
C LYS A 111 -3.86 -23.13 -1.59
N ASP A 112 -3.95 -22.32 -2.65
CA ASP A 112 -2.89 -22.22 -3.66
C ASP A 112 -2.14 -20.87 -3.64
N GLY A 113 -2.39 -20.07 -2.59
CA GLY A 113 -1.76 -18.76 -2.46
C GLY A 113 -2.46 -17.58 -3.15
N SER A 114 -3.20 -17.83 -4.23
CA SER A 114 -3.69 -16.70 -5.09
C SER A 114 -4.51 -15.63 -4.35
N GLY A 115 -5.35 -16.03 -3.40
CA GLY A 115 -6.11 -15.13 -2.52
C GLY A 115 -5.29 -14.00 -1.89
N LEU A 116 -3.99 -14.25 -1.65
CA LEU A 116 -3.14 -13.26 -0.97
C LEU A 116 -2.87 -11.99 -1.78
N GLY A 117 -3.03 -12.04 -3.10
CA GLY A 117 -2.83 -10.86 -3.95
C GLY A 117 -4.04 -9.94 -4.04
N GLU A 118 -5.11 -10.21 -3.29
CA GLU A 118 -6.32 -9.36 -3.33
C GLU A 118 -6.02 -7.93 -2.84
N PRO A 119 -6.47 -6.88 -3.58
CA PRO A 119 -6.08 -5.52 -3.14
C PRO A 119 -6.75 -4.97 -1.84
N LYS A 120 -8.04 -5.21 -1.69
CA LYS A 120 -8.80 -4.63 -0.58
C LYS A 120 -9.85 -5.58 -0.05
N PHE A 121 -10.32 -5.32 1.18
CA PHE A 121 -11.36 -6.08 1.84
C PHE A 121 -12.37 -5.15 2.51
N GLU A 122 -13.48 -5.75 2.95
CA GLU A 122 -14.54 -5.04 3.69
C GLU A 122 -14.07 -4.82 5.13
N ILE A 123 -14.64 -3.80 5.77
CA ILE A 123 -14.29 -3.41 7.13
C ILE A 123 -14.65 -4.42 8.23
N ASP A 124 -15.54 -5.37 7.91
CA ASP A 124 -15.86 -6.47 8.83
C ASP A 124 -15.24 -7.84 8.41
N LEU A 125 -14.15 -7.79 7.67
CA LEU A 125 -13.33 -8.97 7.32
C LEU A 125 -13.92 -9.89 6.22
N ASN A 126 -15.00 -9.44 5.56
CA ASN A 126 -15.57 -10.09 4.38
C ASN A 126 -14.84 -9.67 3.12
N PRO A 127 -14.92 -10.50 2.06
CA PRO A 127 -14.33 -10.13 0.76
C PRO A 127 -15.17 -9.06 0.06
N PHE A 128 -14.52 -8.28 -0.80
CA PHE A 128 -15.11 -7.34 -1.75
C PHE A 128 -15.40 -8.13 -3.00
N SER A 129 -16.61 -7.96 -3.54
N SER A 129 -16.62 -8.01 -3.54
CA SER A 129 -17.12 -8.79 -4.62
CA SER A 129 -17.09 -8.86 -4.65
C SER A 129 -16.96 -8.24 -6.04
C SER A 129 -17.16 -8.22 -6.05
N GLY A 130 -16.94 -6.91 -6.17
CA GLY A 130 -16.98 -6.23 -7.47
C GLY A 130 -15.72 -6.43 -8.28
N ALA A 131 -15.77 -6.04 -9.55
CA ALA A 131 -14.56 -5.96 -10.38
C ALA A 131 -13.58 -4.91 -9.82
N TRP A 132 -12.28 -5.09 -10.05
CA TRP A 132 -11.26 -4.22 -9.51
C TRP A 132 -9.93 -4.55 -10.15
N GLY A 133 -8.96 -3.64 -10.04
CA GLY A 133 -7.59 -3.90 -10.51
C GLY A 133 -6.85 -4.92 -9.64
N ARG A 134 -7.08 -6.20 -9.93
CA ARG A 134 -6.50 -7.35 -9.21
C ARG A 134 -5.81 -8.33 -10.16
N PRO A 135 -4.79 -9.03 -9.70
CA PRO A 135 -4.22 -8.91 -8.35
C PRO A 135 -3.20 -7.76 -8.24
N GLN A 136 -2.84 -7.39 -7.00
CA GLN A 136 -1.78 -6.43 -6.72
C GLN A 136 -0.77 -7.18 -5.86
N ARG A 137 0.35 -7.54 -6.50
CA ARG A 137 1.28 -8.50 -5.92
C ARG A 137 2.29 -7.90 -4.93
N ASP A 138 2.29 -6.56 -4.79
CA ASP A 138 3.10 -5.87 -3.76
C ASP A 138 2.62 -6.11 -2.34
N GLY A 139 1.33 -6.36 -2.18
CA GLY A 139 0.69 -6.47 -0.84
C GLY A 139 1.33 -7.37 0.18
N PRO A 140 1.47 -8.69 -0.14
CA PRO A 140 2.15 -9.65 0.75
C PRO A 140 3.54 -9.24 1.13
N ALA A 141 4.25 -8.62 0.18
CA ALA A 141 5.64 -8.18 0.43
C ALA A 141 5.71 -7.07 1.47
N LEU A 142 4.79 -6.11 1.37
CA LEU A 142 4.82 -4.96 2.33
C LEU A 142 4.40 -5.37 3.73
N ARG A 143 3.47 -6.31 3.80
CA ARG A 143 2.97 -6.85 5.07
C ARG A 143 4.04 -7.69 5.76
N ALA A 144 4.72 -8.56 5.02
CA ALA A 144 5.86 -9.28 5.58
C ALA A 144 6.91 -8.31 6.13
N THR A 145 7.24 -7.27 5.38
CA THR A 145 8.23 -6.27 5.86
C THR A 145 7.75 -5.57 7.16
N ALA A 146 6.52 -5.09 7.19
CA ALA A 146 5.98 -4.51 8.44
C ALA A 146 6.10 -5.51 9.59
N MET A 147 5.64 -6.73 9.33
CA MET A 147 5.64 -7.77 10.38
C MET A 147 7.02 -8.24 10.85
N ILE A 148 7.98 -8.41 9.94
CA ILE A 148 9.32 -8.82 10.33
C ILE A 148 9.93 -7.76 11.26
N THR A 149 9.65 -6.48 10.98
CA THR A 149 10.16 -5.34 11.77
C THR A 149 9.66 -5.38 13.22
N TYR A 150 8.36 -5.54 13.42
CA TYR A 150 7.86 -5.76 14.78
C TYR A 150 8.43 -7.07 15.42
N ALA A 151 8.61 -8.14 14.63
CA ALA A 151 9.15 -9.40 15.13
C ALA A 151 10.59 -9.27 15.68
N ASN A 152 11.47 -8.55 14.96
CA ASN A 152 12.84 -8.27 15.43
C ASN A 152 12.80 -7.46 16.74
N TYR A 153 11.82 -6.57 16.91
CA TYR A 153 11.66 -5.86 18.20
C TYR A 153 11.31 -6.86 19.30
N LEU A 154 10.36 -7.77 19.05
CA LEU A 154 9.93 -8.76 20.08
C LEU A 154 11.07 -9.70 20.52
N ILE A 155 11.81 -10.20 19.53
CA ILE A 155 13.02 -11.01 19.81
C ILE A 155 14.03 -10.26 20.73
N SER A 156 14.37 -9.01 20.38
CA SER A 156 15.19 -8.11 21.23
C SER A 156 14.73 -7.97 22.69
N HIS A 157 13.42 -8.04 22.95
CA HIS A 157 12.87 -7.86 24.30
C HIS A 157 12.35 -9.18 24.92
N GLY A 158 13.00 -10.29 24.61
CA GLY A 158 12.65 -11.58 25.19
C GLY A 158 11.34 -12.27 24.84
N GLN A 159 10.69 -11.91 23.72
CA GLN A 159 9.38 -12.50 23.37
C GLN A 159 9.45 -13.32 22.08
N LYS A 160 10.45 -14.18 21.98
CA LYS A 160 10.71 -14.91 20.75
C LYS A 160 9.68 -16.00 20.53
N SER A 161 9.19 -16.58 21.62
CA SER A 161 8.12 -17.57 21.53
C SER A 161 6.80 -17.00 20.95
N ASP A 162 6.56 -15.72 21.21
CA ASP A 162 5.41 -15.02 20.63
C ASP A 162 5.58 -14.87 19.10
N VAL A 163 6.80 -14.58 18.66
CA VAL A 163 7.10 -14.42 17.23
C VAL A 163 6.90 -15.77 16.52
N SER A 164 7.48 -16.86 17.04
CA SER A 164 7.34 -18.15 16.36
C SER A 164 5.90 -18.73 16.46
N GLN A 165 5.17 -18.48 17.55
CA GLN A 165 3.81 -19.04 17.69
C GLN A 165 2.71 -18.31 16.88
N VAL A 166 2.73 -16.98 16.89
CA VAL A 166 1.69 -16.14 16.26
C VAL A 166 2.13 -15.53 14.91
N MET A 167 3.38 -15.07 14.83
CA MET A 167 3.80 -14.23 13.69
C MET A 167 4.38 -15.00 12.50
N TRP A 168 5.25 -15.99 12.77
CA TRP A 168 5.87 -16.77 11.68
C TRP A 168 4.85 -17.43 10.74
N PRO A 169 3.75 -18.03 11.26
CA PRO A 169 2.74 -18.62 10.33
C PRO A 169 2.20 -17.63 9.27
N ILE A 170 2.01 -16.37 9.68
CA ILE A 170 1.50 -15.30 8.79
C ILE A 170 2.60 -14.88 7.76
N ILE A 171 3.79 -14.62 8.27
CA ILE A 171 4.92 -14.17 7.46
C ILE A 171 5.30 -15.28 6.43
N ALA A 172 5.29 -16.57 6.85
CA ALA A 172 5.65 -17.68 5.93
C ALA A 172 4.73 -17.79 4.72
N ASN A 173 3.41 -17.60 4.92
CA ASN A 173 2.49 -17.47 3.81
C ASN A 173 2.83 -16.34 2.86
N ASP A 174 3.17 -15.17 3.39
CA ASP A 174 3.45 -14.03 2.50
C ASP A 174 4.78 -14.18 1.71
N LEU A 175 5.80 -14.74 2.38
CA LEU A 175 7.12 -15.00 1.74
C LEU A 175 6.96 -16.05 0.66
N ALA A 176 6.21 -17.12 0.95
CA ALA A 176 5.88 -18.15 -0.06
C ALA A 176 5.17 -17.57 -1.29
N TYR A 177 4.19 -16.69 -1.06
CA TYR A 177 3.50 -15.98 -2.14
C TYR A 177 4.48 -15.26 -3.05
N VAL A 178 5.38 -14.47 -2.46
CA VAL A 178 6.38 -13.70 -3.23
C VAL A 178 7.35 -14.64 -3.99
N GLY A 179 7.78 -15.73 -3.38
CA GLY A 179 8.64 -16.75 -4.07
C GLY A 179 8.01 -17.46 -5.26
N GLN A 180 6.69 -17.57 -5.25
CA GLN A 180 5.96 -18.26 -6.29
C GLN A 180 5.47 -17.33 -7.41
N TYR A 181 5.05 -16.11 -7.07
CA TYR A 181 4.28 -15.21 -8.01
C TYR A 181 4.98 -13.94 -8.44
N TRP A 182 6.23 -13.71 -8.00
CA TRP A 182 6.92 -12.47 -8.34
C TRP A 182 7.08 -12.25 -9.85
N ASN A 183 7.20 -13.33 -10.62
CA ASN A 183 7.44 -13.25 -12.07
C ASN A 183 6.13 -13.35 -12.90
N ASN A 184 5.01 -13.08 -12.24
CA ASN A 184 3.70 -12.83 -12.92
C ASN A 184 3.34 -11.33 -12.90
N THR A 185 2.68 -10.88 -13.96
CA THR A 185 2.03 -9.56 -14.02
C THR A 185 0.89 -9.35 -12.97
N GLY A 186 0.57 -8.09 -12.73
CA GLY A 186 -0.54 -7.67 -11.86
C GLY A 186 -0.73 -6.16 -12.01
N PHE A 187 -1.70 -5.58 -11.30
CA PHE A 187 -1.91 -4.14 -11.30
C PHE A 187 -0.91 -3.40 -10.41
N ASP A 188 -0.50 -2.20 -10.84
CA ASP A 188 0.37 -1.28 -10.10
C ASP A 188 -0.35 -0.69 -8.88
N LEU A 189 0.39 0.10 -8.13
CA LEU A 189 -0.11 0.64 -6.86
C LEU A 189 -1.27 1.68 -6.99
N TRP A 190 -1.40 2.30 -8.18
CA TRP A 190 -2.52 3.18 -8.55
C TRP A 190 -3.74 2.39 -9.07
N GLU A 191 -3.60 1.08 -9.18
CA GLU A 191 -4.71 0.15 -9.44
C GLU A 191 -5.22 0.24 -10.90
N GLU A 192 -4.32 0.58 -11.83
CA GLU A 192 -4.72 0.94 -13.20
C GLU A 192 -4.01 0.16 -14.30
N VAL A 193 -2.69 0.05 -14.18
CA VAL A 193 -1.84 -0.50 -15.20
C VAL A 193 -1.49 -1.96 -14.87
N ASP A 194 -1.74 -2.83 -15.83
CA ASP A 194 -1.62 -4.30 -15.68
C ASP A 194 -0.33 -4.77 -16.40
N GLY A 195 0.68 -5.16 -15.63
CA GLY A 195 2.03 -5.37 -16.14
C GLY A 195 2.99 -5.70 -14.99
N SER A 196 4.21 -5.19 -15.08
CA SER A 196 5.24 -5.40 -14.03
C SER A 196 5.69 -4.01 -13.59
N SER A 197 5.61 -3.77 -12.28
CA SER A 197 5.85 -2.41 -11.68
C SER A 197 7.14 -2.36 -10.85
N PHE A 198 7.90 -1.27 -11.03
CA PHE A 198 9.17 -1.09 -10.36
C PHE A 198 9.02 -1.22 -8.85
N PHE A 199 8.02 -0.50 -8.33
CA PHE A 199 7.76 -0.40 -6.90
C PHE A 199 7.53 -1.80 -6.36
N THR A 200 6.66 -2.54 -7.04
CA THR A 200 6.33 -3.94 -6.67
C THR A 200 7.52 -4.92 -6.67
N ILE A 201 8.32 -4.94 -7.74
CA ILE A 201 9.53 -5.79 -7.79
C ILE A 201 10.52 -5.37 -6.70
N ALA A 202 10.70 -4.06 -6.48
CA ALA A 202 11.69 -3.60 -5.52
C ALA A 202 11.35 -4.05 -4.10
N VAL A 203 10.07 -3.91 -3.70
CA VAL A 203 9.65 -4.30 -2.34
C VAL A 203 9.56 -5.82 -2.15
N GLN A 204 9.28 -6.53 -3.24
CA GLN A 204 9.35 -7.98 -3.26
C GLN A 204 10.77 -8.52 -3.00
N HIS A 205 11.76 -7.93 -3.69
CA HIS A 205 13.17 -8.23 -3.46
C HIS A 205 13.54 -8.01 -1.99
N ARG A 206 13.16 -6.86 -1.42
CA ARG A 206 13.51 -6.57 -0.01
C ARG A 206 12.87 -7.56 0.97
N ALA A 207 11.56 -7.80 0.82
CA ALA A 207 10.82 -8.68 1.73
C ALA A 207 11.50 -10.06 1.83
N LEU A 208 11.88 -10.65 0.70
CA LEU A 208 12.55 -11.97 0.76
C LEU A 208 13.93 -11.99 1.49
N VAL A 209 14.69 -10.91 1.34
CA VAL A 209 15.98 -10.77 1.97
C VAL A 209 15.78 -10.68 3.49
N GLU A 210 14.81 -9.87 3.93
CA GLU A 210 14.50 -9.74 5.33
C GLU A 210 13.96 -11.05 5.93
N GLY A 211 13.12 -11.77 5.17
CA GLY A 211 12.60 -13.10 5.62
C GLY A 211 13.69 -14.10 5.97
N SER A 212 14.76 -14.07 5.17
CA SER A 212 15.92 -14.95 5.33
C SER A 212 16.56 -14.78 6.70
N GLN A 213 16.70 -13.50 7.07
CA GLN A 213 17.34 -13.12 8.32
C GLN A 213 16.48 -13.56 9.49
N LEU A 214 15.17 -13.38 9.41
CA LEU A 214 14.29 -13.77 10.51
C LEU A 214 14.20 -15.30 10.61
N ALA A 215 14.13 -15.96 9.45
CA ALA A 215 14.09 -17.42 9.44
C ALA A 215 15.28 -18.01 10.19
N LYS A 216 16.48 -17.50 9.97
CA LYS A 216 17.65 -17.99 10.72
C LYS A 216 17.59 -17.69 12.22
N LYS A 217 17.16 -16.49 12.63
CA LYS A 217 16.95 -16.24 14.07
C LYS A 217 15.99 -17.21 14.71
N LEU A 218 14.96 -17.67 14.01
CA LEU A 218 13.96 -18.64 14.56
C LEU A 218 14.29 -20.14 14.37
N GLY A 219 15.37 -20.46 13.65
CA GLY A 219 15.68 -21.84 13.26
C GLY A 219 14.70 -22.47 12.26
N LYS A 220 14.14 -21.68 11.33
CA LYS A 220 13.17 -22.15 10.29
C LYS A 220 13.78 -22.09 8.90
N SER A 221 13.13 -22.80 7.97
CA SER A 221 13.45 -22.72 6.54
C SER A 221 12.61 -21.67 5.90
N CYS A 222 13.17 -21.05 4.86
CA CYS A 222 12.40 -20.29 3.89
C CYS A 222 13.12 -20.48 2.58
N ASP A 223 12.71 -21.51 1.84
CA ASP A 223 13.36 -21.89 0.57
C ASP A 223 13.30 -20.77 -0.47
N ALA A 224 12.15 -20.16 -0.60
CA ALA A 224 11.97 -18.97 -1.44
C ALA A 224 12.99 -17.85 -1.15
N CYS A 225 13.21 -17.56 0.14
CA CYS A 225 14.15 -16.52 0.55
C CYS A 225 15.59 -16.89 0.14
N ASP A 226 15.92 -18.19 0.14
CA ASP A 226 17.26 -18.66 -0.30
C ASP A 226 17.43 -18.57 -1.83
N SER A 227 16.45 -19.01 -2.62
CA SER A 227 16.65 -19.16 -4.10
C SER A 227 16.33 -17.93 -4.96
N GLN A 228 15.36 -17.14 -4.54
CA GLN A 228 14.77 -16.14 -5.45
C GLN A 228 15.41 -14.72 -5.51
N PRO A 229 15.94 -14.19 -4.38
CA PRO A 229 16.35 -12.76 -4.42
C PRO A 229 17.28 -12.33 -5.54
N PRO A 230 18.35 -13.12 -5.83
CA PRO A 230 19.18 -12.65 -6.96
C PRO A 230 18.46 -12.49 -8.32
N GLN A 231 17.53 -13.39 -8.62
CA GLN A 231 16.75 -13.30 -9.90
C GLN A 231 15.67 -12.17 -9.93
N ILE A 232 15.09 -11.86 -8.77
CA ILE A 232 14.27 -10.66 -8.61
C ILE A 232 15.14 -9.40 -8.85
N LEU A 233 16.31 -9.36 -8.25
CA LEU A 233 17.24 -8.24 -8.50
C LEU A 233 17.63 -8.11 -9.96
N CYS A 234 17.88 -9.26 -10.60
CA CYS A 234 18.23 -9.30 -12.02
C CYS A 234 17.12 -8.66 -12.87
N PHE A 235 15.87 -9.02 -12.59
CA PHE A 235 14.74 -8.44 -13.33
C PHE A 235 14.58 -6.93 -13.08
N LEU A 236 14.80 -6.51 -11.83
CA LEU A 236 14.67 -5.06 -11.44
C LEU A 236 15.60 -4.11 -12.28
N GLN A 237 16.73 -4.63 -12.77
CA GLN A 237 17.59 -3.88 -13.70
C GLN A 237 16.92 -3.49 -15.02
N SER A 238 15.89 -4.22 -15.47
CA SER A 238 15.21 -3.86 -16.73
C SER A 238 14.38 -2.55 -16.72
N PHE A 239 14.13 -2.01 -15.54
CA PHE A 239 13.37 -0.76 -15.37
C PHE A 239 14.20 0.50 -15.64
N TRP A 240 15.54 0.40 -15.53
CA TRP A 240 16.42 1.53 -15.88
C TRP A 240 16.50 1.65 -17.40
N ASN A 241 16.10 2.80 -17.95
CA ASN A 241 16.06 3.02 -19.40
C ASN A 241 17.26 3.80 -19.94
N GLY A 242 18.19 4.19 -19.07
CA GLY A 242 19.34 5.05 -19.45
C GLY A 242 19.27 6.52 -19.01
N LYS A 243 18.06 7.06 -18.85
CA LYS A 243 17.82 8.45 -18.44
C LYS A 243 16.98 8.57 -17.16
N TYR A 244 15.98 7.70 -17.04
CA TYR A 244 15.15 7.57 -15.83
C TYR A 244 14.64 6.11 -15.65
N ILE A 245 13.81 5.90 -14.61
CA ILE A 245 13.23 4.63 -14.32
C ILE A 245 11.86 4.51 -14.97
N THR A 246 11.72 3.60 -15.94
CA THR A 246 10.43 3.37 -16.62
C THR A 246 9.59 2.64 -15.58
N SER A 247 8.47 3.22 -15.12
CA SER A 247 7.74 2.63 -13.99
C SER A 247 7.00 1.29 -14.22
N ASN A 248 6.45 1.04 -15.41
CA ASN A 248 5.79 -0.22 -15.73
C ASN A 248 6.29 -0.76 -17.08
N ILE A 249 6.56 -2.06 -17.15
CA ILE A 249 6.96 -2.75 -18.39
C ILE A 249 6.06 -4.00 -18.50
N ASN A 250 6.31 -4.89 -19.47
CA ASN A 250 5.41 -6.05 -19.75
C ASN A 250 3.93 -5.65 -19.92
N THR A 251 3.68 -4.52 -20.59
CA THR A 251 2.33 -3.99 -20.71
C THR A 251 2.03 -3.34 -22.07
N GLN A 252 0.76 -3.46 -22.49
CA GLN A 252 0.18 -2.76 -23.68
C GLN A 252 0.00 -1.25 -23.45
N ALA A 253 -0.25 -0.85 -22.19
CA ALA A 253 -0.23 0.57 -21.77
C ALA A 253 0.94 1.38 -22.41
N SER A 254 0.63 2.65 -22.72
CA SER A 254 1.58 3.63 -23.23
C SER A 254 1.36 4.92 -22.47
N ARG A 255 2.27 5.16 -21.55
CA ARG A 255 2.53 6.45 -21.02
C ARG A 255 4.04 6.58 -21.08
N SER A 256 4.56 7.70 -20.63
CA SER A 256 5.98 7.90 -20.64
C SER A 256 6.70 6.95 -19.66
N GLY A 257 6.01 6.44 -18.63
CA GLY A 257 6.67 5.75 -17.52
C GLY A 257 7.26 6.63 -16.42
N ILE A 258 7.20 7.95 -16.62
CA ILE A 258 7.59 8.91 -15.58
C ILE A 258 6.45 8.87 -14.55
N ASP A 259 6.74 8.55 -13.30
CA ASP A 259 5.67 8.18 -12.34
C ASP A 259 6.32 8.11 -10.97
N LEU A 260 5.58 8.56 -9.95
CA LEU A 260 5.96 8.56 -8.53
C LEU A 260 6.30 7.16 -8.00
N ASP A 261 5.58 6.15 -8.52
CA ASP A 261 5.91 4.72 -8.40
C ASP A 261 7.45 4.49 -8.26
N SER A 262 8.21 5.05 -9.19
CA SER A 262 9.69 4.88 -9.20
C SER A 262 10.33 5.49 -7.93
N VAL A 263 9.91 6.71 -7.57
CA VAL A 263 10.41 7.34 -6.35
C VAL A 263 10.01 6.54 -5.11
N LEU A 264 8.76 6.03 -5.05
CA LEU A 264 8.32 5.27 -3.88
C LEU A 264 9.10 3.95 -3.74
N GLY A 265 9.46 3.32 -4.86
CA GLY A 265 10.28 2.11 -4.83
C GLY A 265 11.60 2.31 -4.07
N SER A 266 12.21 3.47 -4.27
CA SER A 266 13.50 3.76 -3.64
C SER A 266 13.34 4.14 -2.17
N ILE A 267 12.41 5.05 -1.92
CA ILE A 267 12.03 5.46 -0.57
C ILE A 267 11.74 4.27 0.37
N HIS A 268 10.94 3.32 -0.13
CA HIS A 268 10.53 2.18 0.69
C HIS A 268 11.49 0.99 0.66
N THR A 269 12.63 1.13 -0.04
CA THR A 269 13.77 0.19 0.07
C THR A 269 15.05 0.90 0.50
N PHE A 270 14.91 2.09 1.08
CA PHE A 270 16.00 2.85 1.68
C PHE A 270 16.69 2.03 2.78
N ASP A 271 18.03 1.94 2.70
CA ASP A 271 18.85 1.25 3.70
C ASP A 271 19.91 2.24 4.17
N PRO A 272 19.78 2.74 5.43
CA PRO A 272 20.78 3.70 5.92
C PRO A 272 22.22 3.22 5.94
N GLU A 273 22.46 1.91 6.03
CA GLU A 273 23.82 1.38 6.03
C GLU A 273 24.39 1.07 4.66
N ALA A 274 23.66 1.35 3.58
CA ALA A 274 24.05 0.99 2.20
C ALA A 274 24.75 2.16 1.53
N ALA A 275 25.61 1.83 0.57
CA ALA A 275 26.31 2.82 -0.24
C ALA A 275 25.37 3.28 -1.36
N CYS A 276 25.81 4.24 -2.18
CA CYS A 276 25.02 4.74 -3.29
C CYS A 276 24.90 3.72 -4.45
N ASP A 277 24.26 2.58 -4.15
CA ASP A 277 24.21 1.41 -5.04
C ASP A 277 23.14 1.56 -6.14
N ASP A 278 23.57 1.68 -7.40
CA ASP A 278 22.68 1.63 -8.61
C ASP A 278 21.87 0.32 -8.76
N ALA A 279 22.46 -0.84 -8.44
CA ALA A 279 21.78 -2.15 -8.51
C ALA A 279 20.48 -2.20 -7.71
N THR A 280 20.46 -1.67 -6.48
CA THR A 280 19.23 -1.61 -5.65
C THR A 280 18.59 -0.24 -5.63
N PHE A 281 19.08 0.68 -6.48
CA PHE A 281 18.50 2.02 -6.67
C PHE A 281 18.39 2.85 -5.36
N GLN A 282 19.46 2.89 -4.58
CA GLN A 282 19.43 3.63 -3.30
C GLN A 282 19.17 5.11 -3.58
N PRO A 283 18.55 5.83 -2.64
CA PRO A 283 18.25 7.24 -2.88
C PRO A 283 19.44 8.10 -3.32
N CYS A 284 20.65 7.88 -2.77
CA CYS A 284 21.85 8.62 -3.21
C CYS A 284 22.55 8.09 -4.48
N SER A 285 22.12 6.92 -5.02
CA SER A 285 22.58 6.39 -6.32
C SER A 285 22.34 7.36 -7.49
N ALA A 286 23.24 7.35 -8.48
CA ALA A 286 23.10 8.21 -9.67
C ALA A 286 21.77 7.97 -10.40
N ARG A 287 21.31 6.71 -10.42
CA ARG A 287 20.03 6.38 -11.10
C ARG A 287 18.82 7.03 -10.42
N ALA A 288 18.81 7.01 -9.09
CA ALA A 288 17.67 7.58 -8.35
C ALA A 288 17.61 9.11 -8.43
N LEU A 289 18.79 9.74 -8.40
CA LEU A 289 18.90 11.19 -8.51
C LEU A 289 18.48 11.66 -9.92
N ALA A 290 19.01 11.02 -10.98
CA ALA A 290 18.59 11.37 -12.33
C ALA A 290 17.09 11.24 -12.49
N ASN A 291 16.51 10.18 -11.93
CA ASN A 291 15.07 9.94 -12.07
C ASN A 291 14.29 11.01 -11.29
N HIS A 292 14.82 11.42 -10.13
CA HIS A 292 14.22 12.51 -9.31
C HIS A 292 13.98 13.77 -10.14
N LYS A 293 15.01 14.21 -10.87
CA LYS A 293 14.93 15.43 -11.67
C LYS A 293 13.88 15.35 -12.77
N VAL A 294 13.89 14.22 -13.50
CA VAL A 294 12.92 13.96 -14.55
C VAL A 294 11.49 13.91 -14.02
N TYR A 295 11.29 13.22 -12.90
CA TYR A 295 9.98 13.10 -12.24
C TYR A 295 9.45 14.50 -11.92
N VAL A 296 10.23 15.28 -11.17
CA VAL A 296 9.80 16.61 -10.76
C VAL A 296 9.54 17.53 -11.97
N ASP A 297 10.48 17.60 -12.90
CA ASP A 297 10.37 18.49 -14.04
C ASP A 297 9.08 18.26 -14.84
N SER A 298 8.61 17.01 -14.91
CA SER A 298 7.41 16.65 -15.68
C SER A 298 6.12 17.38 -15.24
N PHE A 299 6.09 17.88 -14.01
CA PHE A 299 4.95 18.68 -13.51
C PHE A 299 5.06 20.23 -13.59
N ARG A 300 6.26 20.77 -13.79
CA ARG A 300 6.46 22.23 -13.69
C ARG A 300 5.58 23.06 -14.62
N SER A 301 5.41 22.58 -15.85
CA SER A 301 4.65 23.23 -16.93
C SER A 301 3.14 23.17 -16.85
N ILE A 302 2.63 22.08 -16.29
CA ILE A 302 1.25 21.65 -16.52
C ILE A 302 0.28 21.99 -15.40
N TYR A 303 0.78 22.17 -14.17
CA TYR A 303 -0.05 22.65 -13.07
C TYR A 303 0.08 24.20 -12.98
N LYS A 304 -1.05 24.88 -12.97
CA LYS A 304 -1.07 26.34 -12.89
C LYS A 304 -0.43 26.85 -11.60
N ILE A 305 -0.61 26.11 -10.51
CA ILE A 305 0.04 26.50 -9.22
C ILE A 305 1.59 26.36 -9.16
N ASN A 306 2.19 25.71 -10.17
CA ASN A 306 3.66 25.66 -10.42
C ASN A 306 4.25 26.81 -11.26
N ALA A 307 3.41 27.73 -11.79
CA ALA A 307 3.88 28.94 -12.53
C ALA A 307 5.12 29.63 -11.89
N GLY A 308 6.16 29.86 -12.68
CA GLY A 308 7.38 30.51 -12.18
C GLY A 308 8.34 29.70 -11.30
N LEU A 309 8.02 28.43 -11.00
CA LEU A 309 8.84 27.64 -10.10
C LEU A 309 9.90 26.95 -10.93
N ALA A 310 11.07 27.58 -10.98
CA ALA A 310 12.11 27.18 -11.90
C ALA A 310 12.91 26.00 -11.37
N GLU A 311 13.76 25.50 -12.25
CA GLU A 311 14.77 24.46 -11.88
C GLU A 311 15.55 24.95 -10.67
N GLY A 312 15.73 24.08 -9.68
CA GLY A 312 16.36 24.44 -8.40
C GLY A 312 15.43 24.85 -7.28
N SER A 313 14.14 25.01 -7.60
CA SER A 313 13.07 25.34 -6.65
C SER A 313 12.09 24.19 -6.58
N ALA A 314 11.58 23.93 -5.39
CA ALA A 314 10.55 22.93 -5.17
C ALA A 314 9.28 23.21 -6.00
N ALA A 315 8.67 22.15 -6.51
CA ALA A 315 7.39 22.23 -7.18
C ALA A 315 6.39 21.19 -6.64
N ASN A 316 5.11 21.43 -6.93
CA ASN A 316 4.01 20.56 -6.51
C ASN A 316 3.91 19.42 -7.52
N VAL A 317 3.88 18.18 -7.07
CA VAL A 317 3.98 17.04 -7.94
C VAL A 317 2.87 16.03 -7.70
N GLY A 318 2.57 15.24 -8.72
CA GLY A 318 1.44 14.27 -8.73
C GLY A 318 1.92 12.83 -8.93
N ARG A 319 1.00 11.97 -9.35
CA ARG A 319 1.31 10.57 -9.65
C ARG A 319 2.11 10.34 -10.92
N TYR A 320 1.58 10.86 -12.04
CA TYR A 320 2.23 10.80 -13.34
C TYR A 320 1.64 11.92 -14.20
N PRO A 321 2.41 12.48 -15.14
CA PRO A 321 1.99 13.64 -15.93
C PRO A 321 0.74 13.48 -16.79
N GLU A 322 0.44 12.26 -17.23
CA GLU A 322 -0.78 11.94 -18.03
C GLU A 322 -2.07 11.77 -17.19
N ASP A 323 -1.98 11.89 -15.86
CA ASP A 323 -3.09 11.59 -14.93
C ASP A 323 -4.31 12.45 -15.16
N VAL A 324 -5.50 11.82 -15.20
CA VAL A 324 -6.82 12.52 -15.21
C VAL A 324 -7.75 12.19 -14.03
N TYR A 325 -7.34 11.31 -13.09
CA TYR A 325 -8.17 10.93 -11.93
C TYR A 325 -8.47 12.16 -11.03
N GLN A 326 -9.76 12.51 -10.97
CA GLN A 326 -10.28 13.70 -10.27
C GLN A 326 -9.73 15.05 -10.86
N GLY A 327 -9.34 15.04 -12.14
CA GLY A 327 -8.70 16.17 -12.80
C GLY A 327 -7.22 15.96 -13.09
N GLY A 328 -6.54 15.13 -12.32
CA GLY A 328 -5.12 14.91 -12.47
C GLY A 328 -4.39 16.01 -11.72
N ASN A 329 -4.10 15.75 -10.44
CA ASN A 329 -3.66 16.82 -9.52
C ASN A 329 -2.44 16.45 -8.72
N PRO A 330 -1.79 17.45 -8.08
CA PRO A 330 -0.88 17.17 -6.95
C PRO A 330 -1.47 16.26 -5.87
N TRP A 331 -0.65 15.31 -5.39
CA TRP A 331 -1.01 14.44 -4.26
C TRP A 331 -0.08 14.85 -3.08
N TYR A 332 -0.62 14.93 -1.86
CA TYR A 332 0.21 15.31 -0.72
C TYR A 332 1.37 14.31 -0.53
N LEU A 333 1.09 13.01 -0.71
CA LEU A 333 2.11 11.99 -0.54
C LEU A 333 3.23 12.02 -1.61
N ALA A 334 2.93 12.61 -2.76
CA ALA A 334 3.91 12.82 -3.85
C ALA A 334 4.91 13.93 -3.51
N THR A 335 4.34 15.07 -3.12
CA THR A 335 5.13 16.25 -2.76
C THR A 335 6.04 15.91 -1.57
N LEU A 336 5.51 15.18 -0.61
CA LEU A 336 6.27 14.72 0.55
C LEU A 336 7.34 13.66 0.20
N GLY A 337 6.94 12.68 -0.62
CA GLY A 337 7.89 11.67 -1.15
C GLY A 337 9.09 12.28 -1.87
N ALA A 338 8.83 13.30 -2.70
CA ALA A 338 9.91 14.05 -3.36
C ALA A 338 11.02 14.54 -2.38
N SER A 339 10.56 15.07 -1.23
CA SER A 339 11.46 15.54 -0.18
C SER A 339 12.21 14.37 0.47
N GLU A 340 11.47 13.30 0.78
CA GLU A 340 12.02 12.16 1.52
C GLU A 340 13.17 11.46 0.80
N LEU A 341 13.06 11.35 -0.51
CA LEU A 341 14.16 10.80 -1.27
C LEU A 341 15.44 11.63 -1.10
N LEU A 342 15.28 12.96 -1.05
CA LEU A 342 16.40 13.88 -0.88
C LEU A 342 16.96 13.78 0.54
N TYR A 343 16.08 13.78 1.55
CA TYR A 343 16.53 13.60 2.92
C TYR A 343 17.29 12.26 3.11
N ASP A 344 16.81 11.18 2.47
CA ASP A 344 17.54 9.88 2.52
C ASP A 344 18.95 10.00 1.89
N ALA A 345 19.02 10.59 0.71
CA ALA A 345 20.31 10.88 0.06
C ALA A 345 21.28 11.64 0.98
N LEU A 346 20.82 12.76 1.53
CA LEU A 346 21.61 13.54 2.51
C LEU A 346 22.20 12.74 3.71
N TYR A 347 21.37 11.93 4.35
CA TYR A 347 21.82 11.03 5.43
C TYR A 347 22.95 10.09 4.98
N GLN A 348 22.77 9.46 3.80
CA GLN A 348 23.75 8.48 3.29
C GLN A 348 25.09 9.16 2.99
N TRP A 349 25.06 10.33 2.34
CA TRP A 349 26.31 11.08 2.05
C TRP A 349 27.01 11.51 3.32
N ASP A 350 26.24 11.91 4.32
CA ASP A 350 26.81 12.25 5.61
C ASP A 350 27.47 11.06 6.30
N ARG A 351 26.87 9.88 6.18
CA ARG A 351 27.42 8.66 6.74
C ARG A 351 28.71 8.24 6.01
N LEU A 352 28.68 8.24 4.68
CA LEU A 352 29.80 7.83 3.84
C LEU A 352 31.03 8.76 3.86
N GLY A 353 30.81 10.05 4.16
CA GLY A 353 31.85 11.09 4.16
C GLY A 353 32.14 11.77 2.81
N LYS A 354 31.28 11.52 1.82
CA LYS A 354 31.54 11.95 0.44
C LYS A 354 30.32 11.82 -0.46
N LEU A 355 30.33 12.54 -1.59
CA LEU A 355 29.38 12.31 -2.68
C LEU A 355 30.11 12.31 -3.99
N GLU A 356 29.50 11.66 -4.95
CA GLU A 356 30.06 11.51 -6.26
C GLU A 356 29.11 12.08 -7.27
N VAL A 357 29.68 12.83 -8.20
CA VAL A 357 28.99 13.35 -9.34
C VAL A 357 29.50 12.57 -10.52
N SER A 358 28.58 11.99 -11.29
CA SER A 358 28.90 11.19 -12.48
C SER A 358 28.11 11.73 -13.68
N GLU A 359 28.38 11.16 -14.86
CA GLU A 359 27.67 11.54 -16.07
C GLU A 359 26.16 11.36 -15.93
N THR A 360 25.74 10.28 -15.30
CA THR A 360 24.31 9.96 -15.17
C THR A 360 23.59 10.99 -14.26
N SER A 361 24.27 11.39 -13.18
CA SER A 361 23.76 12.37 -12.21
C SER A 361 24.06 13.87 -12.53
N LEU A 362 24.74 14.16 -13.65
CA LEU A 362 25.26 15.51 -13.91
C LEU A 362 24.18 16.58 -13.99
N SER A 363 23.04 16.27 -14.63
CA SER A 363 21.92 17.21 -14.72
C SER A 363 21.26 17.48 -13.40
N PHE A 364 21.06 16.44 -12.59
CA PHE A 364 20.56 16.63 -11.23
C PHE A 364 21.42 17.67 -10.46
N PHE A 365 22.73 17.48 -10.43
CA PHE A 365 23.60 18.34 -9.60
C PHE A 365 23.77 19.77 -10.14
N LYS A 366 23.73 19.91 -11.47
CA LYS A 366 23.81 21.21 -12.15
C LYS A 366 22.64 22.15 -11.85
N ASP A 367 21.52 21.64 -11.37
CA ASP A 367 20.44 22.50 -10.84
C ASP A 367 20.80 23.23 -9.52
N PHE A 368 21.84 22.81 -8.81
CA PHE A 368 22.31 23.44 -7.56
C PHE A 368 23.67 24.10 -7.68
N ASP A 369 24.41 23.77 -8.75
CA ASP A 369 25.70 24.35 -9.03
C ASP A 369 26.00 24.18 -10.51
N ALA A 370 25.66 25.20 -11.29
CA ALA A 370 25.86 25.23 -12.75
C ALA A 370 27.29 24.90 -13.19
N THR A 371 28.26 25.23 -12.34
CA THR A 371 29.72 24.95 -12.50
C THR A 371 30.18 23.51 -12.35
N VAL A 372 29.38 22.69 -11.71
CA VAL A 372 29.87 21.42 -11.18
C VAL A 372 30.50 20.47 -12.23
N LYS A 373 31.62 19.87 -11.87
CA LYS A 373 32.25 18.89 -12.73
C LYS A 373 32.18 17.51 -12.09
N ILE A 374 32.23 16.48 -12.96
CA ILE A 374 32.32 15.06 -12.58
C ILE A 374 33.56 14.88 -11.67
N GLY A 375 33.39 14.13 -10.58
CA GLY A 375 34.45 13.92 -9.62
C GLY A 375 33.88 13.40 -8.33
N SER A 376 34.78 13.09 -7.39
CA SER A 376 34.44 12.70 -6.03
C SER A 376 34.73 13.84 -5.04
N TYR A 377 33.83 14.05 -4.08
CA TYR A 377 33.93 15.22 -3.18
C TYR A 377 33.74 14.85 -1.72
N SER A 378 34.80 14.99 -0.93
CA SER A 378 34.75 14.66 0.51
C SER A 378 34.03 15.74 1.34
N ARG A 379 33.64 15.37 2.55
CA ARG A 379 32.95 16.26 3.51
C ARG A 379 33.56 17.65 3.69
N ASN A 380 34.90 17.73 3.69
CA ASN A 380 35.65 19.00 3.84
C ASN A 380 35.58 19.96 2.65
N SER A 381 35.30 19.43 1.46
CA SER A 381 35.51 20.19 0.24
C SER A 381 34.44 21.27 0.02
N LYS A 382 34.81 22.30 -0.73
CA LYS A 382 33.92 23.43 -1.06
C LYS A 382 32.65 22.98 -1.80
N THR A 383 32.80 22.06 -2.74
CA THR A 383 31.65 21.54 -3.50
C THR A 383 30.66 20.73 -2.67
N TYR A 384 31.17 19.90 -1.74
CA TYR A 384 30.31 19.10 -0.85
C TYR A 384 29.39 19.98 0.00
N LYS A 385 29.94 21.07 0.53
CA LYS A 385 29.19 21.99 1.39
C LYS A 385 28.12 22.71 0.60
N LYS A 386 28.52 23.19 -0.58
CA LYS A 386 27.66 23.97 -1.47
C LYS A 386 26.48 23.10 -1.99
N LEU A 387 26.78 21.87 -2.41
CA LEU A 387 25.74 20.99 -2.95
C LEU A 387 24.74 20.51 -1.90
N THR A 388 25.28 20.04 -0.78
CA THR A 388 24.44 19.54 0.33
C THR A 388 23.60 20.66 0.99
N GLN A 389 24.18 21.83 1.26
CA GLN A 389 23.39 22.92 1.84
C GLN A 389 22.26 23.33 0.88
N SER A 390 22.56 23.36 -0.42
CA SER A 390 21.56 23.66 -1.44
C SER A 390 20.48 22.57 -1.64
N ILE A 391 20.87 21.30 -1.65
CA ILE A 391 19.91 20.20 -1.72
C ILE A 391 18.98 20.20 -0.49
N LYS A 392 19.52 20.50 0.67
CA LYS A 392 18.75 20.60 1.91
C LYS A 392 17.61 21.63 1.80
N SER A 393 17.93 22.83 1.32
CA SER A 393 16.92 23.91 1.16
C SER A 393 15.87 23.53 0.13
N TYR A 394 16.29 22.83 -0.91
CA TYR A 394 15.39 22.36 -1.96
C TYR A 394 14.34 21.36 -1.37
N ALA A 395 14.81 20.43 -0.54
CA ALA A 395 13.95 19.41 0.10
C ALA A 395 12.94 20.08 1.02
N ASP A 396 13.43 20.98 1.89
CA ASP A 396 12.58 21.81 2.74
C ASP A 396 11.55 22.59 1.95
N GLY A 397 11.92 23.07 0.76
CA GLY A 397 10.98 23.74 -0.15
C GLY A 397 9.71 22.94 -0.46
N PHE A 398 9.83 21.61 -0.49
CA PHE A 398 8.65 20.72 -0.69
C PHE A 398 7.72 20.72 0.50
N ILE A 399 8.30 20.65 1.70
CA ILE A 399 7.55 20.74 2.94
C ILE A 399 6.91 22.14 3.06
N GLN A 400 7.59 23.18 2.58
CA GLN A 400 7.03 24.55 2.57
C GLN A 400 5.77 24.71 1.71
N LEU A 401 5.74 24.07 0.55
CA LEU A 401 4.55 24.04 -0.31
C LEU A 401 3.36 23.33 0.39
N VAL A 402 3.63 22.23 1.09
CA VAL A 402 2.59 21.50 1.84
C VAL A 402 2.00 22.41 2.93
N GLN A 403 2.89 23.12 3.65
CA GLN A 403 2.52 24.15 4.62
C GLN A 403 1.58 25.21 4.03
N GLN A 404 1.92 25.76 2.85
CA GLN A 404 1.00 26.73 2.19
C GLN A 404 -0.38 26.11 1.95
N TYR A 405 -0.43 24.80 1.67
CA TYR A 405 -1.71 24.14 1.27
C TYR A 405 -2.30 23.13 2.24
N THR A 406 -1.92 23.19 3.51
CA THR A 406 -2.56 22.36 4.53
C THR A 406 -3.66 23.21 5.16
N PRO A 407 -4.89 22.66 5.29
CA PRO A 407 -5.93 23.46 5.98
C PRO A 407 -5.63 23.71 7.47
N SER A 408 -6.20 24.79 8.02
CA SER A 408 -6.04 25.15 9.44
C SER A 408 -6.37 23.99 10.40
N ASN A 409 -7.32 23.12 10.06
CA ASN A 409 -7.60 21.96 10.91
C ASN A 409 -6.62 20.78 10.76
N GLY A 410 -5.65 20.90 9.86
CA GLY A 410 -4.58 19.91 9.73
C GLY A 410 -4.93 18.67 8.93
N SER A 411 -6.14 18.62 8.37
CA SER A 411 -6.53 17.49 7.52
C SER A 411 -5.67 17.39 6.26
N LEU A 412 -5.21 16.17 5.95
CA LEU A 412 -4.45 15.91 4.72
C LEU A 412 -5.31 15.05 3.84
N ALA A 413 -5.90 15.65 2.80
CA ALA A 413 -6.73 14.91 1.83
C ALA A 413 -5.82 14.05 0.93
N GLU A 414 -6.40 13.33 -0.01
CA GLU A 414 -5.62 12.65 -1.04
C GLU A 414 -4.91 13.64 -1.95
N GLN A 415 -5.64 14.67 -2.42
CA GLN A 415 -5.17 15.57 -3.47
C GLN A 415 -5.33 17.03 -3.06
N TYR A 416 -4.59 17.92 -3.72
CA TYR A 416 -4.90 19.35 -3.69
C TYR A 416 -4.88 19.89 -5.14
N ASP A 417 -5.71 20.90 -5.41
CA ASP A 417 -6.13 21.20 -6.78
C ASP A 417 -5.01 21.85 -7.64
N ARG A 418 -4.80 21.33 -8.87
CA ARG A 418 -3.79 21.85 -9.82
C ARG A 418 -3.90 23.35 -10.18
N ASN A 419 -5.12 23.89 -10.05
CA ASN A 419 -5.40 25.30 -10.36
C ASN A 419 -5.55 26.20 -9.13
N THR A 420 -6.28 25.73 -8.10
CA THR A 420 -6.59 26.53 -6.90
C THR A 420 -5.89 26.08 -5.64
N ALA A 421 -5.32 24.87 -5.65
CA ALA A 421 -4.73 24.27 -4.46
C ALA A 421 -5.75 23.90 -3.40
N ALA A 422 -7.04 23.95 -3.71
CA ALA A 422 -8.06 23.48 -2.76
C ALA A 422 -7.86 21.94 -2.56
N PRO A 423 -7.95 21.45 -1.29
CA PRO A 423 -7.96 20.00 -1.02
C PRO A 423 -9.14 19.31 -1.68
N LEU A 424 -8.94 18.09 -2.22
CA LEU A 424 -10.03 17.36 -2.90
C LEU A 424 -9.82 15.86 -2.92
N SER A 425 -10.79 15.16 -3.51
CA SER A 425 -10.85 13.70 -3.45
C SER A 425 -11.00 13.28 -1.96
N ALA A 426 -10.66 12.04 -1.61
CA ALA A 426 -10.87 11.50 -0.26
C ALA A 426 -10.20 12.33 0.85
N ASN A 427 -10.96 12.72 1.89
CA ASN A 427 -10.39 13.41 3.06
C ASN A 427 -9.66 12.45 4.00
N ASP A 428 -8.70 13.00 4.75
CA ASP A 428 -7.97 12.30 5.82
C ASP A 428 -7.46 10.93 5.35
N LEU A 429 -6.70 10.96 4.25
CA LEU A 429 -6.10 9.76 3.72
C LEU A 429 -4.98 9.29 4.65
N THR A 430 -5.17 8.07 5.17
CA THR A 430 -4.26 7.45 6.13
C THR A 430 -2.84 7.54 5.63
N TRP A 431 -2.64 7.19 4.36
CA TRP A 431 -1.31 7.18 3.75
C TRP A 431 -0.77 8.60 3.60
N SER A 432 -1.63 9.61 3.41
CA SER A 432 -1.12 11.01 3.46
C SER A 432 -0.50 11.34 4.83
N PHE A 433 -1.17 10.97 5.91
CA PHE A 433 -0.66 11.23 7.27
C PHE A 433 0.66 10.48 7.50
N ALA A 434 0.70 9.21 7.10
CA ALA A 434 1.89 8.42 7.21
C ALA A 434 3.04 9.06 6.46
N SER A 435 2.78 9.47 5.24
CA SER A 435 3.80 10.15 4.40
C SER A 435 4.39 11.45 5.03
N PHE A 436 3.58 12.20 5.79
CA PHE A 436 4.08 13.35 6.56
C PHE A 436 5.08 12.97 7.66
N LEU A 437 4.73 11.99 8.49
CA LEU A 437 5.63 11.52 9.57
C LEU A 437 6.98 11.01 9.07
N THR A 438 6.93 10.34 7.96
CA THR A 438 8.02 9.56 7.44
C THR A 438 9.02 10.56 6.80
N ALA A 439 8.53 11.48 5.97
CA ALA A 439 9.38 12.54 5.40
C ALA A 439 10.05 13.42 6.47
N THR A 440 9.28 13.81 7.49
CA THR A 440 9.76 14.71 8.55
C THR A 440 10.72 14.02 9.54
N GLN A 441 10.48 12.73 9.78
CA GLN A 441 11.48 11.88 10.44
C GLN A 441 12.86 11.88 9.67
N ARG A 442 12.85 11.64 8.35
CA ARG A 442 14.12 11.60 7.59
C ARG A 442 14.87 12.96 7.61
N ARG A 443 14.11 14.06 7.53
CA ARG A 443 14.68 15.41 7.70
C ARG A 443 15.44 15.55 9.04
N ASP A 444 14.88 15.01 10.13
CA ASP A 444 15.52 15.00 11.47
C ASP A 444 16.56 13.86 11.68
N ALA A 445 16.96 13.18 10.60
CA ALA A 445 17.91 12.04 10.63
C ALA A 445 17.47 10.86 11.51
N VAL A 446 16.16 10.60 11.55
CA VAL A 446 15.66 9.34 12.15
C VAL A 446 15.44 8.35 10.99
N VAL A 447 16.07 7.19 11.07
CA VAL A 447 16.07 6.22 9.97
C VAL A 447 15.67 4.85 10.51
N PRO A 448 15.04 4.01 9.69
CA PRO A 448 14.59 2.69 10.17
C PRO A 448 15.75 1.67 10.29
N PRO A 449 15.49 0.52 10.91
CA PRO A 449 16.49 -0.55 10.87
C PRO A 449 16.94 -0.91 9.44
N SER A 450 18.22 -1.21 9.29
CA SER A 450 18.83 -1.65 8.02
C SER A 450 18.25 -3.00 7.56
N TRP A 451 17.92 -3.15 6.28
CA TRP A 451 17.38 -4.44 5.78
C TRP A 451 18.42 -5.38 5.13
N GLY A 452 19.63 -4.85 4.89
CA GLY A 452 20.79 -5.66 4.41
C GLY A 452 21.02 -5.57 2.92
N ALA A 453 20.74 -4.39 2.35
CA ALA A 453 20.97 -4.14 0.93
C ALA A 453 22.40 -4.35 0.48
N LYS A 454 23.36 -4.14 1.38
N LYS A 454 23.37 -4.15 1.38
CA LYS A 454 24.80 -4.30 1.07
CA LYS A 454 24.80 -4.31 1.05
C LYS A 454 25.19 -5.76 0.81
C LYS A 454 25.17 -5.78 0.75
N SER A 455 24.34 -6.71 1.24
CA SER A 455 24.53 -8.14 0.96
C SER A 455 23.47 -8.73 -0.02
N ALA A 456 22.74 -7.87 -0.71
CA ALA A 456 21.72 -8.27 -1.65
C ALA A 456 21.81 -7.35 -2.85
N ASN A 457 23.02 -7.12 -3.33
CA ASN A 457 23.23 -6.20 -4.46
C ASN A 457 24.06 -6.76 -5.61
N LYS A 458 24.27 -8.08 -5.63
CA LYS A 458 25.10 -8.73 -6.65
C LYS A 458 24.20 -9.29 -7.77
N VAL A 459 24.29 -8.68 -8.95
CA VAL A 459 23.45 -9.06 -10.08
C VAL A 459 24.00 -10.37 -10.74
N PRO A 460 23.13 -11.33 -11.04
CA PRO A 460 23.63 -12.55 -11.68
C PRO A 460 24.23 -12.31 -13.06
N THR A 461 24.99 -13.30 -13.53
CA THR A 461 25.58 -13.24 -14.87
C THR A 461 24.53 -13.16 -15.99
N THR A 462 23.39 -13.80 -15.78
CA THR A 462 22.27 -13.84 -16.74
C THR A 462 20.93 -13.97 -15.98
N CYS A 463 19.87 -13.36 -16.52
CA CYS A 463 18.57 -13.45 -15.89
C CYS A 463 17.86 -14.73 -16.40
N SER A 464 17.35 -15.51 -15.48
CA SER A 464 16.66 -16.75 -15.77
C SER A 464 15.77 -17.04 -14.58
N ALA A 465 14.46 -16.81 -14.73
CA ALA A 465 13.53 -16.91 -13.64
C ALA A 465 13.10 -18.37 -13.35
N SER A 466 13.12 -18.80 -12.08
CA SER A 466 12.63 -20.15 -11.65
C SER A 466 11.91 -20.04 -10.32
N PRO A 467 10.69 -19.46 -10.34
CA PRO A 467 9.95 -19.26 -9.07
C PRO A 467 9.62 -20.60 -8.43
N VAL A 468 9.39 -20.64 -7.13
CA VAL A 468 9.04 -21.92 -6.46
C VAL A 468 7.57 -21.91 -5.96
N VAL A 469 6.92 -23.03 -6.18
CA VAL A 469 5.56 -23.25 -5.69
C VAL A 469 5.58 -23.33 -4.16
N GLY A 470 4.75 -22.55 -3.48
CA GLY A 470 4.73 -22.54 -2.01
C GLY A 470 3.76 -23.54 -1.39
N THR A 471 3.90 -23.70 -0.06
CA THR A 471 2.97 -24.41 0.80
C THR A 471 2.31 -23.36 1.72
N TYR A 472 0.97 -23.38 1.78
CA TYR A 472 0.20 -22.36 2.48
C TYR A 472 -0.65 -23.01 3.55
N LYS A 473 -0.70 -22.41 4.73
CA LYS A 473 -1.48 -22.98 5.83
C LYS A 473 -2.23 -21.88 6.58
N ALA A 474 -3.51 -22.11 6.85
CA ALA A 474 -4.35 -21.15 7.56
C ALA A 474 -3.74 -20.82 8.93
N PRO A 475 -3.46 -19.52 9.19
CA PRO A 475 -3.08 -19.13 10.52
C PRO A 475 -4.21 -19.35 11.53
N THR A 476 -3.80 -19.56 12.75
CA THR A 476 -4.65 -20.12 13.77
C THR A 476 -4.52 -19.24 15.06
N ALA A 477 -3.30 -19.02 15.54
CA ALA A 477 -3.04 -18.24 16.71
C ALA A 477 -3.16 -16.73 16.42
N THR A 478 -3.59 -15.99 17.46
CA THR A 478 -3.66 -14.53 17.46
C THR A 478 -3.20 -13.96 18.81
N PHE A 479 -2.90 -12.68 18.81
CA PHE A 479 -2.47 -12.00 20.04
C PHE A 479 -3.70 -11.70 20.92
N SER A 480 -3.51 -11.76 22.23
CA SER A 480 -4.55 -11.39 23.20
C SER A 480 -4.63 -9.87 23.38
N SER A 481 -5.83 -9.32 23.27
CA SER A 481 -6.05 -7.88 23.35
C SER A 481 -7.41 -7.58 24.02
N LYS A 482 -7.50 -6.43 24.69
CA LYS A 482 -8.79 -5.96 25.24
C LYS A 482 -9.65 -5.15 24.22
N THR A 483 -9.07 -4.77 23.08
CA THR A 483 -9.76 -3.98 22.04
C THR A 483 -11.02 -4.67 21.56
N LYS A 484 -12.11 -3.91 21.41
CA LYS A 484 -13.31 -4.38 20.70
C LYS A 484 -13.49 -3.58 19.37
N CYS A 485 -14.45 -2.67 19.28
CA CYS A 485 -14.59 -1.82 18.08
C CYS A 485 -15.47 -0.59 18.38
N VAL A 486 -15.41 0.40 17.52
CA VAL A 486 -16.38 1.48 17.59
C VAL A 486 -17.63 0.89 16.98
N PRO A 487 -18.76 0.96 17.68
CA PRO A 487 -19.92 0.24 17.16
C PRO A 487 -20.33 0.55 15.71
N ALA A 488 -20.86 -0.46 15.04
CA ALA A 488 -21.35 -0.32 13.67
C ALA A 488 -22.53 0.64 13.61
N LYS A 489 -22.61 1.40 12.52
CA LYS A 489 -23.73 2.32 12.28
C LYS A 489 -24.41 2.09 10.91
N ASP A 490 -23.93 2.77 9.87
CA ASP A 490 -24.59 2.73 8.56
C ASP A 490 -24.06 1.67 7.60
N ILE A 491 -22.89 1.09 7.88
CA ILE A 491 -22.20 0.17 6.94
C ILE A 491 -21.84 -1.14 7.64
N VAL A 492 -22.53 -2.21 7.26
CA VAL A 492 -22.29 -3.56 7.79
C VAL A 492 -22.29 -4.46 6.55
N PRO A 493 -21.11 -4.66 5.96
CA PRO A 493 -21.12 -5.48 4.73
C PRO A 493 -21.41 -6.98 4.99
N ILE A 494 -22.37 -7.54 4.23
CA ILE A 494 -22.78 -8.96 4.35
C ILE A 494 -22.50 -9.64 3.01
N THR A 495 -21.99 -10.87 3.09
CA THR A 495 -21.66 -11.67 1.91
C THR A 495 -22.67 -12.82 1.73
N PHE A 496 -23.16 -12.98 0.50
CA PHE A 496 -24.14 -14.01 0.18
C PHE A 496 -23.50 -14.95 -0.82
N TYR A 497 -23.39 -16.24 -0.44
CA TYR A 497 -22.80 -17.28 -1.27
C TYR A 497 -23.91 -18.19 -1.80
N LEU A 498 -24.01 -18.38 -3.13
CA LEU A 498 -25.09 -19.19 -3.72
C LEU A 498 -24.54 -20.29 -4.64
N ILE A 499 -25.06 -21.51 -4.48
CA ILE A 499 -24.81 -22.61 -5.41
C ILE A 499 -25.94 -22.61 -6.45
N GLU A 500 -25.60 -22.41 -7.73
CA GLU A 500 -26.58 -22.40 -8.84
C GLU A 500 -25.90 -22.64 -10.20
N ASN A 501 -26.24 -23.76 -10.83
CA ASN A 501 -25.68 -24.12 -12.13
C ASN A 501 -26.39 -23.27 -13.22
N THR A 502 -25.59 -22.77 -14.16
CA THR A 502 -26.09 -21.93 -15.26
C THR A 502 -25.50 -22.33 -16.65
N TYR A 503 -26.12 -21.82 -17.72
CA TYR A 503 -25.58 -21.86 -19.07
C TYR A 503 -25.03 -20.48 -19.46
N TYR A 504 -24.17 -20.47 -20.48
CA TYR A 504 -23.47 -19.26 -20.90
C TYR A 504 -24.45 -18.12 -21.26
N GLY A 505 -24.26 -16.92 -20.68
CA GLY A 505 -25.11 -15.75 -20.88
C GLY A 505 -26.06 -15.46 -19.71
N GLU A 506 -26.32 -16.44 -18.82
CA GLU A 506 -27.12 -16.20 -17.62
C GLU A 506 -26.29 -15.50 -16.57
N ASN A 507 -26.86 -14.47 -15.94
CA ASN A 507 -26.19 -13.78 -14.82
C ASN A 507 -27.09 -13.85 -13.58
N VAL A 508 -26.51 -14.08 -12.40
CA VAL A 508 -27.26 -14.13 -11.12
C VAL A 508 -27.21 -12.78 -10.41
N PHE A 509 -28.38 -12.34 -9.90
CA PHE A 509 -28.52 -11.13 -9.09
C PHE A 509 -29.26 -11.47 -7.81
N MET A 510 -29.26 -10.58 -6.82
CA MET A 510 -30.19 -10.70 -5.70
C MET A 510 -31.05 -9.41 -5.57
N SER A 511 -32.32 -9.56 -5.17
CA SER A 511 -33.24 -8.46 -4.90
C SER A 511 -33.75 -8.55 -3.49
N GLY A 512 -34.29 -7.43 -2.96
CA GLY A 512 -34.94 -7.44 -1.66
C GLY A 512 -35.66 -6.14 -1.24
N ASN A 513 -36.19 -6.10 -0.01
CA ASN A 513 -37.06 -4.99 0.49
C ASN A 513 -36.34 -3.80 1.19
N ILE A 514 -35.10 -3.54 0.83
CA ILE A 514 -34.35 -2.39 1.32
C ILE A 514 -33.58 -1.75 0.17
N THR A 515 -33.08 -0.55 0.41
CA THR A 515 -32.49 0.31 -0.62
C THR A 515 -31.24 -0.33 -1.30
N ALA A 516 -30.36 -0.98 -0.53
CA ALA A 516 -29.14 -1.57 -1.10
C ALA A 516 -29.40 -2.76 -2.03
N LEU A 517 -30.57 -3.39 -1.89
CA LEU A 517 -31.04 -4.48 -2.76
C LEU A 517 -32.06 -4.03 -3.84
N GLY A 518 -32.31 -2.73 -3.96
CA GLY A 518 -33.18 -2.14 -5.00
C GLY A 518 -34.69 -2.16 -4.79
N ASN A 519 -35.16 -2.44 -3.57
CA ASN A 519 -36.61 -2.42 -3.24
C ASN A 519 -37.47 -3.17 -4.27
N TRP A 520 -37.08 -4.42 -4.55
CA TRP A 520 -37.78 -5.33 -5.48
C TRP A 520 -37.81 -4.89 -6.99
N ASP A 521 -36.96 -3.95 -7.38
CA ASP A 521 -36.88 -3.52 -8.77
C ASP A 521 -35.74 -4.30 -9.46
N ALA A 522 -36.10 -5.16 -10.41
CA ALA A 522 -35.15 -6.03 -11.07
C ALA A 522 -34.07 -5.29 -11.85
N LYS A 523 -34.36 -4.07 -12.32
CA LYS A 523 -33.31 -3.14 -12.81
C LYS A 523 -32.27 -2.70 -11.75
N LYS A 524 -32.59 -2.78 -10.45
CA LYS A 524 -31.72 -2.26 -9.37
C LYS A 524 -31.17 -3.33 -8.43
N GLY A 525 -31.31 -4.60 -8.79
CA GLY A 525 -30.74 -5.72 -8.02
C GLY A 525 -29.23 -5.76 -7.97
N PHE A 526 -28.68 -6.43 -6.96
CA PHE A 526 -27.27 -6.48 -6.76
C PHE A 526 -26.68 -7.71 -7.52
N PRO A 527 -25.69 -7.48 -8.42
CA PRO A 527 -25.07 -8.59 -9.17
C PRO A 527 -24.12 -9.44 -8.30
N LEU A 528 -24.16 -10.75 -8.51
CA LEU A 528 -23.21 -11.69 -7.94
C LEU A 528 -22.07 -11.94 -8.95
N THR A 529 -20.84 -12.11 -8.44
CA THR A 529 -19.66 -12.41 -9.32
C THR A 529 -19.50 -13.92 -9.59
N ALA A 530 -19.01 -14.27 -10.77
CA ALA A 530 -18.64 -15.66 -11.09
C ALA A 530 -17.14 -15.97 -10.98
N ASN A 531 -16.36 -15.10 -10.35
CA ASN A 531 -14.90 -15.27 -10.32
C ASN A 531 -14.51 -16.64 -9.68
N LEU A 532 -15.33 -17.17 -8.78
CA LEU A 532 -15.05 -18.47 -8.11
C LEU A 532 -15.98 -19.64 -8.55
N TYR A 533 -16.62 -19.48 -9.70
CA TYR A 533 -17.45 -20.49 -10.31
C TYR A 533 -16.51 -21.44 -11.04
N THR A 534 -16.77 -22.73 -10.91
CA THR A 534 -15.86 -23.80 -11.35
C THR A 534 -16.71 -25.05 -11.65
N GLN A 535 -16.24 -26.01 -12.47
CA GLN A 535 -16.95 -27.32 -12.65
C GLN A 535 -17.15 -28.07 -11.29
N ASP A 536 -16.19 -27.89 -10.40
CA ASP A 536 -16.20 -28.44 -9.01
C ASP A 536 -17.12 -27.79 -7.93
N GLN A 537 -17.44 -26.50 -8.08
CA GLN A 537 -18.36 -25.74 -7.22
C GLN A 537 -18.97 -24.63 -8.09
N ASN A 538 -20.26 -24.80 -8.42
CA ASN A 538 -21.03 -23.81 -9.23
C ASN A 538 -21.44 -22.61 -8.34
N LEU A 539 -20.44 -21.84 -7.92
CA LEU A 539 -20.59 -20.80 -6.89
C LEU A 539 -20.64 -19.37 -7.47
N TRP A 540 -21.61 -18.61 -6.97
CA TRP A 540 -21.78 -17.17 -7.19
C TRP A 540 -21.77 -16.47 -5.82
N PHE A 541 -21.26 -15.24 -5.74
CA PHE A 541 -21.33 -14.45 -4.51
C PHE A 541 -21.37 -12.91 -4.68
N ALA A 542 -22.01 -12.26 -3.70
CA ALA A 542 -22.15 -10.79 -3.60
C ALA A 542 -21.83 -10.32 -2.18
N SER A 543 -21.10 -9.20 -2.06
CA SER A 543 -20.88 -8.49 -0.81
C SER A 543 -21.61 -7.14 -0.88
N VAL A 544 -22.72 -7.04 -0.14
CA VAL A 544 -23.60 -5.86 -0.15
C VAL A 544 -23.26 -5.04 1.09
N GLU A 545 -22.93 -3.76 0.88
CA GLU A 545 -22.22 -2.94 1.87
C GLU A 545 -23.08 -1.91 2.63
N PHE A 546 -23.95 -1.19 1.89
CA PHE A 546 -24.76 -0.09 2.48
C PHE A 546 -26.05 -0.57 3.16
N ILE A 547 -25.85 -1.35 4.23
CA ILE A 547 -26.90 -1.98 5.04
C ILE A 547 -26.66 -1.58 6.51
N PRO A 548 -27.54 -0.73 7.07
CA PRO A 548 -27.28 -0.30 8.45
C PRO A 548 -27.39 -1.43 9.46
N ALA A 549 -26.62 -1.27 10.56
CA ALA A 549 -26.60 -2.20 11.67
C ALA A 549 -28.00 -2.47 12.17
N GLY A 550 -28.34 -3.73 12.41
CA GLY A 550 -29.68 -4.09 12.89
C GLY A 550 -30.79 -4.23 11.85
N THR A 551 -30.55 -3.86 10.59
CA THR A 551 -31.62 -3.93 9.57
C THR A 551 -32.12 -5.37 9.36
N PRO A 552 -33.44 -5.60 9.56
CA PRO A 552 -34.08 -6.85 9.10
C PRO A 552 -34.57 -6.69 7.66
N PHE A 553 -34.32 -7.70 6.83
CA PHE A 553 -34.72 -7.64 5.44
C PHE A 553 -35.12 -8.98 4.86
N GLU A 554 -35.87 -8.93 3.76
CA GLU A 554 -36.20 -10.08 2.94
C GLU A 554 -35.43 -9.97 1.63
N TYR A 555 -34.96 -11.12 1.11
CA TYR A 555 -34.31 -11.16 -0.22
C TYR A 555 -34.65 -12.40 -1.02
N LYS A 556 -34.40 -12.33 -2.34
CA LYS A 556 -34.66 -13.44 -3.26
C LYS A 556 -33.73 -13.35 -4.45
N TYR A 557 -33.16 -14.49 -4.87
CA TYR A 557 -32.28 -14.55 -6.04
C TYR A 557 -33.10 -14.64 -7.34
N TYR A 558 -32.54 -14.10 -8.41
CA TYR A 558 -33.05 -14.23 -9.79
C TYR A 558 -31.90 -14.25 -10.81
N LYS A 559 -32.21 -14.67 -12.03
CA LYS A 559 -31.29 -14.59 -13.17
C LYS A 559 -31.81 -13.60 -14.23
N VAL A 560 -30.91 -12.85 -14.84
CA VAL A 560 -31.23 -12.22 -16.09
C VAL A 560 -30.81 -13.21 -17.17
N GLU A 561 -31.80 -13.71 -17.89
CA GLU A 561 -31.57 -14.65 -19.00
C GLU A 561 -30.98 -13.84 -20.17
N PRO A 562 -30.24 -14.48 -21.08
CA PRO A 562 -29.64 -13.73 -22.21
C PRO A 562 -30.66 -13.15 -23.22
N ASN A 563 -31.91 -13.61 -23.20
CA ASN A 563 -32.98 -12.90 -23.90
C ASN A 563 -33.61 -11.71 -23.10
N GLY A 564 -33.10 -11.32 -21.92
CA GLY A 564 -33.70 -10.21 -21.12
C GLY A 564 -34.69 -10.63 -20.04
N ASP A 565 -35.35 -11.78 -20.18
CA ASP A 565 -36.22 -12.30 -19.15
C ASP A 565 -35.62 -12.36 -17.75
N ILE A 566 -36.49 -12.10 -16.79
CA ILE A 566 -36.20 -12.25 -15.36
C ILE A 566 -36.77 -13.55 -14.79
N THR A 567 -35.90 -14.45 -14.30
CA THR A 567 -36.34 -15.75 -13.75
C THR A 567 -36.06 -15.80 -12.24
N TRP A 568 -37.13 -15.77 -11.46
CA TRP A 568 -36.99 -15.70 -10.02
C TRP A 568 -36.83 -17.14 -9.47
N GLU A 569 -36.05 -17.34 -8.41
CA GLU A 569 -36.10 -18.62 -7.68
C GLU A 569 -37.49 -18.78 -7.06
N LYS A 570 -37.94 -20.02 -6.84
CA LYS A 570 -39.27 -20.29 -6.28
C LYS A 570 -39.20 -20.24 -4.72
N GLY A 571 -40.28 -20.66 -4.06
CA GLY A 571 -40.31 -20.77 -2.61
C GLY A 571 -40.49 -19.42 -1.93
N PRO A 572 -40.46 -19.40 -0.58
CA PRO A 572 -40.51 -18.13 0.17
C PRO A 572 -39.27 -17.26 0.10
N ASN A 573 -39.47 -15.96 0.33
CA ASN A 573 -38.38 -15.01 0.54
C ASN A 573 -37.52 -15.48 1.70
N ARG A 574 -36.22 -15.25 1.56
CA ARG A 574 -35.26 -15.48 2.62
C ARG A 574 -35.22 -14.25 3.51
N VAL A 575 -34.98 -14.42 4.80
CA VAL A 575 -34.98 -13.34 5.80
C VAL A 575 -33.56 -13.27 6.39
N PHE A 576 -33.04 -12.08 6.68
CA PHE A 576 -31.77 -11.90 7.41
C PHE A 576 -31.85 -10.67 8.33
N VAL A 577 -31.07 -10.64 9.41
CA VAL A 577 -30.99 -9.48 10.32
C VAL A 577 -29.53 -9.09 10.42
N ALA A 578 -29.21 -7.90 9.91
CA ALA A 578 -27.89 -7.38 10.02
C ALA A 578 -27.51 -7.28 11.49
N PRO A 579 -26.33 -7.78 11.88
CA PRO A 579 -25.88 -7.63 13.28
C PRO A 579 -25.58 -6.18 13.74
N THR A 580 -25.36 -6.04 15.05
CA THR A 580 -25.02 -4.77 15.72
C THR A 580 -23.67 -4.89 16.43
N GLY A 581 -23.08 -3.78 16.84
CA GLY A 581 -21.81 -3.82 17.59
C GLY A 581 -20.57 -4.06 16.74
N CYS A 582 -19.97 -5.26 16.86
CA CYS A 582 -18.71 -5.61 16.16
C CYS A 582 -18.86 -6.86 15.27
N PRO A 583 -19.43 -6.71 14.07
CA PRO A 583 -19.68 -7.88 13.22
C PRO A 583 -18.42 -8.50 12.63
N VAL A 584 -18.36 -9.84 12.71
CA VAL A 584 -17.27 -10.61 12.12
C VAL A 584 -17.83 -11.49 11.01
N GLN A 585 -17.50 -11.12 9.77
CA GLN A 585 -17.86 -11.88 8.56
C GLN A 585 -19.33 -12.38 8.50
N PRO A 586 -20.29 -11.45 8.71
CA PRO A 586 -21.68 -11.88 8.53
C PRO A 586 -21.94 -12.35 7.07
N HIS A 587 -22.65 -13.48 6.92
CA HIS A 587 -22.88 -14.07 5.64
C HIS A 587 -23.97 -15.13 5.66
N SER A 588 -24.43 -15.52 4.48
CA SER A 588 -25.37 -16.63 4.31
C SER A 588 -24.90 -17.58 3.19
N ASN A 589 -24.92 -18.88 3.48
CA ASN A 589 -24.60 -19.92 2.51
C ASN A 589 -25.92 -20.48 1.98
N ASP A 590 -26.25 -20.18 0.72
CA ASP A 590 -27.57 -20.47 0.17
C ASP A 590 -27.47 -21.42 -1.05
N VAL A 591 -28.55 -22.15 -1.27
CA VAL A 591 -28.75 -23.04 -2.40
C VAL A 591 -30.03 -22.63 -3.12
N TRP A 592 -29.95 -22.43 -4.44
CA TRP A 592 -31.15 -22.04 -5.25
C TRP A 592 -32.41 -22.80 -4.89
N GLN A 593 -33.52 -22.05 -4.73
CA GLN A 593 -34.80 -22.63 -4.37
C GLN A 593 -35.63 -22.99 -5.59
N PHE A 594 -35.91 -24.27 -5.74
CA PHE A 594 -36.68 -24.78 -6.86
C PHE A 594 -38.15 -24.91 -6.47
#